data_6IMK
#
_entry.id   6IMK
#
_cell.length_a   72.257
_cell.length_b   55.159
_cell.length_c   79.875
_cell.angle_alpha   90.00
_cell.angle_beta   103.15
_cell.angle_gamma   90.00
#
_symmetry.space_group_name_H-M   'P 1 21 1'
#
loop_
_entity.id
_entity.type
_entity.pdbx_description
1 polymer 'DNA ligase'
2 polymer "DNA (5'-D(*CP*CP*AP*GP*TP*CP*CP*GP*AP*CP*CP*CP*GP*CP*AP*TP*CP*CP*CP*GP*GP*A)-3')"
3 polymer "DNA (5'-D(*TP*CP*CP*GP*GP*GP*AP*TP*GP*CP*GP*G)-3')"
4 polymer "DNA (5'-D(P*GP*TP*CP*GP*GP*AP*CP*TP*GP*G)-3')"
5 water water
#
loop_
_entity_poly.entity_id
_entity_poly.type
_entity_poly.pdbx_seq_one_letter_code
_entity_poly.pdbx_strand_id
1 'polypeptide(L)'
;SMLNQFPGQYSNNIFCFPPIESETKSGKKASWIICVQVVQHNTIIPITDEMFSTDVKDAVAEIFTKFFVEEGAVRISKMT
RVTEGKNLGKKNATTVVHQAFKDALSKYNRHARQKRGAHTNRGMIPPMLVKYFNIIPKTFFEEETDPIVQRKRNGVRAVA
CQQGDGCILLYSRTEKEFLGLDNIKKELKQLYLFIDVRVYLDGELYLHRKPLQWIAGQANAKTDSSELHFYVFDCFWSDQ
LQMPSNKRQQLLTNIFKQKEDLTFIHQVENFSVKNVDEALRLKAQFIKEGYEGAIVRNANGPYEPGYNNYHSAHLAKLKP
LLDAEFILVDYTQGKKGKDLGAILWVCELPNKKRFVVTPKHLTYADRYALFQKLTPALFKKHLYGKELTVEYAELSPKTG
IPLQARAVGFREPINVLEII
;
A
2 'polydeoxyribonucleotide'
;(DC)(DC)(DA)(DG)(DT)(DC)(DC)(DG)(DA)(DC)(DC)(DC)(DG)(DC)(DA)(DT)(DC)(DC)(DC)(DG)
(DG)(DA)
;
C
3 'polydeoxyribonucleotide' (DT)(DC)(DC)(DG)(DG)(DG)(DA)(DT)(DG)(DC)(DG)(DG) D
4 'polydeoxyribonucleotide' (DG)(DT)(DC)(DG)(DG)(DA)(DC)(DT)(DG)(DG) E
#
loop_
_chem_comp.id
_chem_comp.type
_chem_comp.name
_chem_comp.formula
DA DNA linking 2'-DEOXYADENOSINE-5'-MONOPHOSPHATE 'C10 H14 N5 O6 P'
DC DNA linking 2'-DEOXYCYTIDINE-5'-MONOPHOSPHATE 'C9 H14 N3 O7 P'
DG DNA linking 2'-DEOXYGUANOSINE-5'-MONOPHOSPHATE 'C10 H14 N5 O7 P'
DT DNA linking THYMIDINE-5'-MONOPHOSPHATE 'C10 H15 N2 O8 P'
#
# COMPACT_ATOMS: atom_id res chain seq x y z
N SER A 1 -17.90 19.64 -25.13
CA SER A 1 -18.88 18.58 -24.95
C SER A 1 -18.29 17.39 -24.20
N MET A 2 -17.08 16.98 -24.61
CA MET A 2 -16.47 15.79 -24.03
C MET A 2 -15.92 16.03 -22.64
N LEU A 3 -15.49 17.27 -22.33
CA LEU A 3 -15.02 17.58 -20.98
C LEU A 3 -16.14 17.45 -19.94
N ASN A 4 -17.40 17.42 -20.38
CA ASN A 4 -18.52 17.24 -19.47
C ASN A 4 -18.69 15.80 -19.02
N GLN A 5 -17.98 14.85 -19.64
CA GLN A 5 -18.00 13.46 -19.20
C GLN A 5 -17.20 13.23 -17.93
N PHE A 6 -16.33 14.17 -17.55
CA PHE A 6 -15.54 14.10 -16.34
C PHE A 6 -15.95 15.22 -15.37
N PRO A 7 -16.01 14.94 -14.08
CA PRO A 7 -16.39 15.99 -13.12
C PRO A 7 -15.29 17.03 -12.99
N GLY A 8 -15.71 18.27 -12.77
CA GLY A 8 -14.81 19.36 -12.49
C GLY A 8 -15.07 20.59 -13.35
N GLN A 9 -14.24 21.60 -13.15
CA GLN A 9 -14.32 22.86 -13.88
C GLN A 9 -13.26 22.91 -14.96
N TYR A 10 -13.43 23.84 -15.90
CA TYR A 10 -12.46 24.08 -16.98
C TYR A 10 -12.25 25.58 -17.10
N SER A 11 -11.06 26.04 -16.69
CA SER A 11 -10.72 27.46 -16.73
C SER A 11 -9.25 27.61 -17.13
N ASN A 12 -8.97 28.65 -17.90
CA ASN A 12 -7.61 28.97 -18.36
C ASN A 12 -7.00 27.81 -19.14
N ASN A 13 -7.84 27.04 -19.84
CA ASN A 13 -7.40 25.86 -20.58
C ASN A 13 -6.70 24.85 -19.67
N ILE A 14 -7.19 24.75 -18.43
CA ILE A 14 -6.66 23.84 -17.42
C ILE A 14 -7.85 23.20 -16.73
N PHE A 15 -8.04 21.90 -16.92
CA PHE A 15 -9.16 21.18 -16.32
C PHE A 15 -8.77 20.69 -14.93
N CYS A 16 -9.47 21.19 -13.91
CA CYS A 16 -9.20 20.84 -12.52
C CYS A 16 -10.38 20.04 -11.99
N PHE A 17 -10.12 18.79 -11.59
CA PHE A 17 -11.14 18.00 -10.94
C PHE A 17 -11.52 18.66 -9.61
N PRO A 18 -12.72 18.40 -9.11
CA PRO A 18 -13.14 19.00 -7.85
C PRO A 18 -12.23 18.57 -6.71
N PRO A 19 -11.94 19.45 -5.76
CA PRO A 19 -11.00 19.11 -4.69
C PRO A 19 -11.51 17.96 -3.85
N ILE A 20 -10.60 17.07 -3.48
CA ILE A 20 -10.88 16.02 -2.50
C ILE A 20 -10.46 16.54 -1.13
N GLU A 21 -11.43 16.71 -0.23
CA GLU A 21 -11.19 17.26 1.08
C GLU A 21 -11.08 16.14 2.11
N SER A 22 -10.13 16.29 3.03
CA SER A 22 -9.88 15.28 4.05
C SER A 22 -9.38 15.97 5.30
N GLU A 23 -9.42 15.23 6.41
CA GLU A 23 -8.95 15.74 7.70
C GLU A 23 -7.60 15.14 8.04
N THR A 24 -6.67 15.98 8.47
CA THR A 24 -5.37 15.53 8.91
C THR A 24 -5.46 15.00 10.34
N LYS A 25 -4.38 14.36 10.79
CA LYS A 25 -4.35 13.86 12.17
C LYS A 25 -4.32 15.01 13.18
N SER A 26 -3.74 16.15 12.80
CA SER A 26 -3.75 17.31 13.68
C SER A 26 -5.13 17.95 13.78
N GLY A 27 -6.03 17.63 12.85
CA GLY A 27 -7.37 18.18 12.83
C GLY A 27 -7.64 19.14 11.69
N LYS A 28 -6.59 19.69 11.08
CA LYS A 28 -6.79 20.65 10.00
C LYS A 28 -7.34 19.96 8.76
N LYS A 29 -8.13 20.70 7.99
CA LYS A 29 -8.64 20.21 6.72
C LYS A 29 -7.58 20.38 5.63
N ALA A 30 -7.59 19.43 4.69
CA ALA A 30 -6.66 19.45 3.57
C ALA A 30 -7.44 19.28 2.27
N SER A 31 -6.85 19.77 1.18
CA SER A 31 -7.49 19.72 -0.13
C SER A 31 -6.51 19.13 -1.14
N TRP A 32 -7.00 18.21 -1.96
CA TRP A 32 -6.21 17.56 -3.00
C TRP A 32 -6.90 17.81 -4.34
N ILE A 33 -6.17 18.45 -5.26
CA ILE A 33 -6.70 18.84 -6.56
C ILE A 33 -5.77 18.28 -7.64
N ILE A 34 -6.33 17.51 -8.57
CA ILE A 34 -5.59 16.98 -9.71
C ILE A 34 -6.08 17.69 -10.97
N CYS A 35 -5.14 18.10 -11.81
CA CYS A 35 -5.44 18.90 -12.99
C CYS A 35 -4.84 18.26 -14.23
N VAL A 36 -5.39 18.64 -15.39
CA VAL A 36 -4.90 18.20 -16.69
C VAL A 36 -4.72 19.42 -17.57
N GLN A 37 -3.53 19.54 -18.17
CA GLN A 37 -3.24 20.62 -19.12
C GLN A 37 -2.40 20.05 -20.25
N VAL A 38 -2.54 20.64 -21.43
CA VAL A 38 -1.80 20.22 -22.61
C VAL A 38 -0.88 21.35 -23.02
N VAL A 39 0.38 21.01 -23.30
CA VAL A 39 1.42 21.98 -23.63
C VAL A 39 1.99 21.63 -25.00
N GLN A 40 1.96 22.59 -25.92
CA GLN A 40 2.60 22.48 -27.22
C GLN A 40 3.52 23.67 -27.40
N HIS A 41 4.78 23.38 -27.76
CA HIS A 41 5.79 24.42 -27.94
C HIS A 41 5.95 25.27 -26.68
N ASN A 42 6.00 24.59 -25.53
CA ASN A 42 6.28 25.16 -24.21
C ASN A 42 5.19 26.11 -23.72
N THR A 43 4.01 26.10 -24.32
CA THR A 43 2.93 26.97 -23.89
C THR A 43 1.62 26.21 -23.81
N ILE A 44 0.77 26.61 -22.87
CA ILE A 44 -0.52 25.96 -22.67
C ILE A 44 -1.45 26.31 -23.83
N ILE A 45 -2.12 25.30 -24.36
CA ILE A 45 -3.08 25.50 -25.45
C ILE A 45 -4.42 24.93 -25.04
N PRO A 46 -5.54 25.41 -25.59
CA PRO A 46 -6.86 24.89 -25.18
C PRO A 46 -7.00 23.41 -25.47
N ILE A 47 -7.93 22.79 -24.76
CA ILE A 47 -8.22 21.36 -24.89
C ILE A 47 -9.46 21.24 -25.76
N THR A 48 -9.26 21.02 -27.06
CA THR A 48 -10.36 20.93 -28.00
C THR A 48 -11.03 19.56 -27.91
N ASP A 49 -12.26 19.49 -28.41
CA ASP A 49 -12.94 18.20 -28.49
C ASP A 49 -12.28 17.27 -29.50
N GLU A 50 -11.66 17.83 -30.54
CA GLU A 50 -10.92 17.01 -31.49
C GLU A 50 -9.65 16.43 -30.87
N MET A 51 -9.16 17.01 -29.78
CA MET A 51 -8.00 16.48 -29.09
C MET A 51 -8.25 15.11 -28.46
N PHE A 52 -9.46 14.56 -28.60
CA PHE A 52 -9.75 13.22 -28.11
C PHE A 52 -9.71 12.17 -29.20
N SER A 53 -9.66 12.58 -30.47
CA SER A 53 -9.61 11.65 -31.60
C SER A 53 -8.35 11.78 -32.42
N THR A 54 -7.58 12.86 -32.27
CA THR A 54 -6.38 13.07 -33.05
C THR A 54 -5.35 13.81 -32.22
N ASP A 55 -4.14 13.28 -32.15
CA ASP A 55 -3.06 13.96 -31.45
C ASP A 55 -2.66 15.23 -32.19
N VAL A 56 -2.21 16.22 -31.43
CA VAL A 56 -1.63 17.44 -31.98
C VAL A 56 -0.12 17.27 -31.99
N LYS A 57 0.51 17.64 -33.11
CA LYS A 57 1.96 17.50 -33.22
C LYS A 57 2.66 18.33 -32.15
N ASP A 58 3.66 17.73 -31.51
CA ASP A 58 4.47 18.36 -30.47
C ASP A 58 3.65 18.73 -29.23
N ALA A 59 2.48 18.12 -29.06
CA ALA A 59 1.64 18.38 -27.90
C ALA A 59 1.78 17.25 -26.90
N VAL A 60 2.09 17.60 -25.64
CA VAL A 60 2.18 16.64 -24.56
C VAL A 60 1.09 16.97 -23.54
N ALA A 61 0.44 15.93 -23.02
CA ALA A 61 -0.54 16.08 -21.97
C ALA A 61 0.15 15.98 -20.62
N GLU A 62 -0.07 16.96 -19.76
CA GLU A 62 0.61 17.04 -18.48
C GLU A 62 -0.41 16.88 -17.35
N ILE A 63 -0.15 15.92 -16.47
CA ILE A 63 -0.96 15.70 -15.28
C ILE A 63 -0.15 16.16 -14.08
N PHE A 64 -0.69 17.11 -13.33
CA PHE A 64 -0.09 17.55 -12.07
C PHE A 64 -1.19 17.62 -11.03
N THR A 65 -0.80 17.87 -9.79
CA THR A 65 -1.78 17.88 -8.71
C THR A 65 -1.33 18.82 -7.61
N LYS A 66 -2.30 19.33 -6.85
CA LYS A 66 -2.07 20.29 -5.79
C LYS A 66 -2.59 19.73 -4.47
N PHE A 67 -1.79 19.91 -3.41
CA PHE A 67 -2.20 19.52 -2.07
C PHE A 67 -1.77 20.60 -1.09
N PHE A 68 -2.69 21.02 -0.23
CA PHE A 68 -2.37 22.02 0.79
C PHE A 68 -3.21 21.77 2.03
N VAL A 69 -2.61 22.01 3.18
CA VAL A 69 -3.35 22.11 4.43
C VAL A 69 -4.04 23.46 4.45
N GLU A 70 -5.20 23.52 5.09
CA GLU A 70 -5.97 24.76 5.19
C GLU A 70 -5.09 25.90 5.67
N GLU A 71 -5.03 26.96 4.87
CA GLU A 71 -4.19 28.14 5.11
C GLU A 71 -2.70 27.80 5.13
N GLY A 72 -2.32 26.66 4.55
CA GLY A 72 -0.94 26.24 4.53
C GLY A 72 -0.29 26.42 3.16
N ALA A 73 0.97 26.00 3.09
CA ALA A 73 1.71 26.06 1.84
C ALA A 73 1.04 25.17 0.80
N VAL A 74 1.20 25.56 -0.47
CA VAL A 74 0.63 24.81 -1.59
C VAL A 74 1.75 24.03 -2.25
N ARG A 75 1.63 22.71 -2.26
CA ARG A 75 2.64 21.81 -2.80
C ARG A 75 2.14 21.24 -4.11
N ILE A 76 2.86 21.50 -5.19
CA ILE A 76 2.50 21.05 -6.52
C ILE A 76 3.51 20.00 -6.96
N SER A 77 3.01 18.87 -7.45
CA SER A 77 3.88 17.81 -7.93
C SER A 77 4.54 18.21 -9.25
N LYS A 78 5.59 17.47 -9.62
CA LYS A 78 6.13 17.61 -10.96
C LYS A 78 5.09 17.16 -11.98
N MET A 79 5.30 17.53 -13.24
CA MET A 79 4.36 17.16 -14.28
C MET A 79 4.51 15.69 -14.65
N THR A 80 3.38 15.00 -14.80
CA THR A 80 3.36 13.68 -15.43
C THR A 80 3.07 13.88 -16.91
N ARG A 81 4.10 13.68 -17.74
CA ARG A 81 4.02 13.93 -19.17
C ARG A 81 3.44 12.70 -19.87
N VAL A 82 2.29 12.86 -20.51
CA VAL A 82 1.70 11.83 -21.35
C VAL A 82 2.02 12.19 -22.79
N THR A 83 2.95 11.47 -23.39
CA THR A 83 3.44 11.79 -24.73
C THR A 83 2.80 10.95 -25.82
N GLU A 84 2.03 9.92 -25.47
CA GLU A 84 1.38 9.08 -26.46
C GLU A 84 0.27 8.30 -25.79
N GLY A 85 -0.68 7.83 -26.62
CA GLY A 85 -1.77 7.02 -26.14
C GLY A 85 -1.37 5.57 -25.93
N LYS A 86 -2.36 4.76 -25.61
CA LYS A 86 -2.16 3.34 -25.37
C LYS A 86 -3.09 2.53 -26.27
N ASN A 87 -2.73 1.26 -26.47
CA ASN A 87 -3.39 0.39 -27.44
C ASN A 87 -3.34 1.01 -28.83
N LEU A 88 -2.21 1.65 -29.15
CA LEU A 88 -2.11 2.51 -30.33
C LEU A 88 -2.38 1.78 -31.64
N GLY A 89 -2.35 0.45 -31.63
CA GLY A 89 -2.62 -0.30 -32.84
C GLY A 89 -3.84 -1.20 -32.73
N LYS A 90 -4.96 -0.64 -32.28
CA LYS A 90 -6.18 -1.42 -32.11
C LYS A 90 -7.37 -0.47 -32.09
N LYS A 91 -8.56 -1.07 -32.11
CA LYS A 91 -9.79 -0.28 -31.98
C LYS A 91 -9.92 0.37 -30.61
N ASN A 92 -9.15 -0.11 -29.62
CA ASN A 92 -9.14 0.48 -28.28
C ASN A 92 -8.27 1.72 -28.17
N ALA A 93 -7.59 2.10 -29.24
CA ALA A 93 -6.56 3.15 -29.17
C ALA A 93 -7.11 4.43 -28.57
N THR A 94 -6.42 4.95 -27.57
CA THR A 94 -6.72 6.25 -26.99
C THR A 94 -5.73 7.29 -27.49
N THR A 95 -6.11 8.55 -27.31
CA THR A 95 -5.30 9.70 -27.70
C THR A 95 -4.48 10.18 -26.51
N VAL A 96 -3.37 10.86 -26.80
CA VAL A 96 -2.55 11.55 -25.81
C VAL A 96 -3.43 12.23 -24.76
N VAL A 97 -4.36 13.07 -25.22
CA VAL A 97 -5.19 13.84 -24.30
C VAL A 97 -6.25 12.97 -23.64
N HIS A 98 -6.86 12.05 -24.40
CA HIS A 98 -7.87 11.18 -23.81
C HIS A 98 -7.27 10.25 -22.77
N GLN A 99 -6.09 9.69 -23.05
CA GLN A 99 -5.44 8.80 -22.09
C GLN A 99 -5.07 9.54 -20.82
N ALA A 100 -4.65 10.81 -20.93
CA ALA A 100 -4.30 11.57 -19.75
C ALA A 100 -5.52 11.84 -18.87
N PHE A 101 -6.69 11.99 -19.48
CA PHE A 101 -7.90 12.16 -18.67
C PHE A 101 -8.34 10.85 -18.04
N LYS A 102 -8.15 9.73 -18.74
CA LYS A 102 -8.39 8.43 -18.11
C LYS A 102 -7.47 8.21 -16.93
N ASP A 103 -6.19 8.54 -17.09
CA ASP A 103 -5.24 8.41 -15.98
C ASP A 103 -5.60 9.36 -14.85
N ALA A 104 -5.96 10.60 -15.17
CA ALA A 104 -6.30 11.56 -14.12
C ALA A 104 -7.60 11.20 -13.42
N LEU A 105 -8.60 10.73 -14.19
CA LEU A 105 -9.85 10.30 -13.57
C LEU A 105 -9.63 9.08 -12.69
N SER A 106 -8.73 8.18 -13.10
CA SER A 106 -8.42 7.01 -12.29
C SER A 106 -7.79 7.41 -10.96
N LYS A 107 -6.80 8.30 -11.01
CA LYS A 107 -6.22 8.82 -9.77
C LYS A 107 -7.28 9.49 -8.92
N TYR A 108 -8.18 10.25 -9.54
CA TYR A 108 -9.20 11.00 -8.78
C TYR A 108 -10.12 10.05 -8.03
N ASN A 109 -10.57 8.98 -8.69
CA ASN A 109 -11.50 8.05 -8.05
C ASN A 109 -10.84 7.33 -6.87
N ARG A 110 -9.63 6.81 -7.09
CA ARG A 110 -8.99 6.00 -6.04
C ARG A 110 -8.48 6.86 -4.90
N HIS A 111 -8.12 8.13 -5.17
CA HIS A 111 -7.61 8.98 -4.11
C HIS A 111 -8.65 9.29 -3.04
N ALA A 112 -9.93 9.14 -3.37
CA ALA A 112 -10.99 9.36 -2.38
C ALA A 112 -10.98 8.32 -1.26
N ARG A 113 -10.22 7.23 -1.41
CA ARG A 113 -10.19 6.16 -0.43
C ARG A 113 -9.19 6.46 0.68
N GLN A 114 -9.39 5.80 1.82
CA GLN A 114 -8.49 5.88 2.97
C GLN A 114 -8.31 7.30 3.48
N LYS A 115 -9.31 8.15 3.26
CA LYS A 115 -9.27 9.55 3.66
C LYS A 115 -10.20 9.78 4.84
N ARG A 116 -9.75 10.61 5.78
CA ARG A 116 -10.54 10.96 6.95
C ARG A 116 -11.54 12.05 6.56
N GLY A 117 -12.82 11.68 6.47
CA GLY A 117 -13.85 12.62 6.09
C GLY A 117 -14.39 12.39 4.68
N ASN A 121 -17.83 6.20 2.78
CA ASN A 121 -17.70 5.54 4.08
C ASN A 121 -18.16 4.09 4.04
N ARG A 122 -19.48 3.89 4.09
CA ARG A 122 -20.09 2.58 4.30
C ARG A 122 -19.59 1.94 5.60
N GLY A 123 -19.23 2.78 6.56
CA GLY A 123 -18.68 2.32 7.82
C GLY A 123 -17.28 1.77 7.76
N MET A 124 -16.64 1.79 6.59
CA MET A 124 -15.31 1.23 6.45
C MET A 124 -14.27 2.15 7.11
N ILE A 125 -13.46 1.57 7.98
CA ILE A 125 -12.41 2.27 8.70
C ILE A 125 -11.09 1.60 8.34
N PRO A 126 -10.11 2.33 7.80
CA PRO A 126 -8.87 1.70 7.34
C PRO A 126 -8.11 1.10 8.51
N PRO A 127 -7.54 -0.09 8.33
CA PRO A 127 -6.85 -0.75 9.44
C PRO A 127 -5.60 0.00 9.87
N MET A 128 -5.23 -0.20 11.13
CA MET A 128 -4.04 0.43 11.70
C MET A 128 -2.78 -0.16 11.08
N LEU A 129 -1.80 0.69 10.79
CA LEU A 129 -0.56 0.29 10.16
C LEU A 129 0.60 0.43 11.14
N VAL A 130 1.70 -0.26 10.83
CA VAL A 130 2.83 -0.41 11.73
C VAL A 130 3.94 0.55 11.30
N LYS A 131 4.47 1.31 12.25
CA LYS A 131 5.51 2.30 11.95
C LYS A 131 6.91 1.72 12.04
N TYR A 132 7.24 1.06 13.15
CA TYR A 132 8.60 0.63 13.42
C TYR A 132 8.89 -0.72 12.78
N PHE A 133 10.13 -0.87 12.31
CA PHE A 133 10.57 -2.08 11.61
C PHE A 133 11.88 -2.53 12.25
N ASN A 134 11.84 -3.70 12.88
CA ASN A 134 13.02 -4.27 13.56
C ASN A 134 13.57 -3.30 14.60
N ILE A 135 12.70 -2.52 15.21
CA ILE A 135 13.05 -1.62 16.31
C ILE A 135 11.88 -1.59 17.28
N ILE A 136 12.16 -1.82 18.56
CA ILE A 136 11.16 -1.71 19.61
C ILE A 136 11.52 -0.51 20.47
N PRO A 137 10.73 0.57 20.45
CA PRO A 137 11.06 1.73 21.28
C PRO A 137 11.08 1.36 22.75
N LYS A 138 11.99 2.00 23.48
CA LYS A 138 12.14 1.73 24.91
C LYS A 138 10.88 2.09 25.68
N THR A 139 10.10 3.05 25.18
CA THR A 139 8.86 3.44 25.86
C THR A 139 7.82 2.33 25.86
N PHE A 140 8.01 1.28 25.05
CA PHE A 140 7.10 0.15 25.10
C PHE A 140 7.15 -0.56 26.45
N PHE A 141 8.29 -0.49 27.14
CA PHE A 141 8.47 -1.14 28.43
C PHE A 141 8.44 -0.15 29.59
N GLU A 142 8.12 1.11 29.34
CA GLU A 142 8.03 2.13 30.37
C GLU A 142 6.58 2.53 30.63
N GLU A 143 5.66 1.60 30.45
CA GLU A 143 4.23 1.83 30.61
C GLU A 143 3.74 1.09 31.86
N GLU A 144 2.42 1.17 32.09
CA GLU A 144 1.83 0.47 33.23
C GLU A 144 1.71 -1.04 32.98
N THR A 145 1.78 -1.46 31.72
CA THR A 145 1.62 -2.87 31.36
C THR A 145 2.68 -3.24 30.33
N ASP A 146 3.05 -4.52 30.32
CA ASP A 146 4.03 -5.02 29.37
C ASP A 146 3.40 -5.16 27.98
N PRO A 147 4.19 -4.94 26.93
CA PRO A 147 3.66 -5.05 25.57
C PRO A 147 3.32 -6.49 25.23
N ILE A 148 2.51 -6.64 24.17
CA ILE A 148 2.07 -7.94 23.68
C ILE A 148 2.79 -8.24 22.38
N VAL A 149 3.32 -9.46 22.26
CA VAL A 149 3.95 -9.93 21.03
C VAL A 149 3.01 -10.93 20.38
N GLN A 150 2.81 -10.78 19.07
CA GLN A 150 1.97 -11.68 18.30
C GLN A 150 2.74 -12.16 17.07
N ARG A 151 2.23 -13.22 16.46
CA ARG A 151 2.80 -13.72 15.22
C ARG A 151 2.38 -12.82 14.05
N LYS A 152 3.31 -12.58 13.14
CA LYS A 152 3.04 -11.86 11.91
C LYS A 152 2.89 -12.88 10.79
N ARG A 153 1.75 -12.85 10.11
CA ARG A 153 1.46 -13.77 9.02
C ARG A 153 1.58 -13.06 7.68
N ASN A 154 2.16 -13.75 6.70
CA ASN A 154 2.44 -13.16 5.38
C ASN A 154 1.29 -13.44 4.43
N GLY A 155 0.19 -12.74 4.66
CA GLY A 155 -1.00 -12.83 3.83
C GLY A 155 -1.55 -11.46 3.51
N VAL A 156 -2.87 -11.34 3.58
CA VAL A 156 -3.59 -10.14 3.17
C VAL A 156 -4.35 -9.58 4.37
N ARG A 157 -4.29 -8.26 4.53
CA ARG A 157 -4.99 -7.58 5.61
C ARG A 157 -6.47 -7.48 5.32
N ALA A 158 -7.28 -7.69 6.35
CA ALA A 158 -8.73 -7.57 6.22
C ALA A 158 -9.34 -7.15 7.55
N VAL A 159 -10.42 -6.38 7.46
CA VAL A 159 -11.20 -5.97 8.63
C VAL A 159 -12.64 -6.40 8.40
N ALA A 160 -13.26 -6.94 9.44
CA ALA A 160 -14.63 -7.44 9.38
C ALA A 160 -15.55 -6.57 10.22
N CYS A 161 -16.76 -6.34 9.71
CA CYS A 161 -17.80 -5.65 10.46
C CYS A 161 -19.14 -6.06 9.86
N GLN A 162 -20.22 -5.70 10.55
CA GLN A 162 -21.57 -6.08 10.15
C GLN A 162 -22.35 -4.81 9.82
N GLN A 163 -22.87 -4.74 8.60
CA GLN A 163 -23.61 -3.57 8.13
C GLN A 163 -24.98 -3.51 8.82
N GLY A 164 -25.81 -2.57 8.38
CA GLY A 164 -27.14 -2.46 8.94
C GLY A 164 -27.96 -3.72 8.76
N ASP A 165 -27.97 -4.25 7.54
CA ASP A 165 -28.55 -5.55 7.30
C ASP A 165 -27.66 -6.63 7.93
N GLY A 166 -28.11 -7.88 7.83
CA GLY A 166 -27.34 -8.97 8.40
C GLY A 166 -26.01 -9.25 7.71
N CYS A 167 -25.71 -8.54 6.62
CA CYS A 167 -24.52 -8.86 5.83
C CYS A 167 -23.24 -8.52 6.59
N ILE A 168 -22.22 -9.34 6.37
CA ILE A 168 -20.88 -9.12 6.93
C ILE A 168 -20.03 -8.43 5.87
N LEU A 169 -19.26 -7.42 6.30
CA LEU A 169 -18.43 -6.62 5.41
C LEU A 169 -16.97 -6.94 5.66
N LEU A 170 -16.29 -7.47 4.64
CA LEU A 170 -14.86 -7.76 4.69
C LEU A 170 -14.16 -6.82 3.73
N TYR A 171 -13.32 -5.93 4.25
CA TYR A 171 -12.62 -4.97 3.41
C TYR A 171 -11.14 -4.96 3.76
N SER A 172 -10.37 -4.29 2.91
CA SER A 172 -8.92 -4.42 2.84
C SER A 172 -8.21 -3.19 3.42
N ARG A 173 -6.90 -3.12 3.19
CA ARG A 173 -6.09 -2.02 3.69
C ARG A 173 -6.58 -0.69 3.12
N THR A 174 -6.90 -0.65 1.83
CA THR A 174 -7.34 0.58 1.17
C THR A 174 -8.85 0.69 1.09
N GLU A 175 -9.57 -0.01 1.97
CA GLU A 175 -11.04 0.05 2.03
C GLU A 175 -11.67 -0.44 0.73
N LYS A 176 -11.17 -1.56 0.22
CA LYS A 176 -11.78 -2.27 -0.88
C LYS A 176 -12.51 -3.49 -0.33
N GLU A 177 -13.78 -3.65 -0.69
CA GLU A 177 -14.56 -4.78 -0.21
C GLU A 177 -14.08 -6.07 -0.85
N PHE A 178 -13.80 -7.08 -0.02
CA PHE A 178 -13.43 -8.39 -0.53
C PHE A 178 -14.67 -9.15 -0.97
N LEU A 179 -14.56 -9.80 -2.13
CA LEU A 179 -15.59 -10.70 -2.63
C LEU A 179 -15.18 -12.15 -2.37
N GLY A 180 -16.16 -13.05 -2.48
CA GLY A 180 -15.89 -14.44 -2.14
C GLY A 180 -15.65 -14.58 -0.64
N LEU A 181 -14.72 -15.46 -0.29
CA LEU A 181 -14.38 -15.71 1.12
C LEU A 181 -15.63 -16.07 1.92
N ASP A 182 -16.44 -16.96 1.35
CA ASP A 182 -17.72 -17.29 1.98
C ASP A 182 -17.54 -18.17 3.20
N ASN A 183 -16.49 -18.99 3.25
CA ASN A 183 -16.24 -19.78 4.45
C ASN A 183 -15.95 -18.88 5.65
N ILE A 184 -15.31 -17.74 5.43
CA ILE A 184 -15.05 -16.80 6.52
C ILE A 184 -16.33 -16.05 6.90
N LYS A 185 -17.06 -15.55 5.89
CA LYS A 185 -18.22 -14.72 6.15
C LYS A 185 -19.33 -15.47 6.85
N LYS A 186 -19.50 -16.76 6.55
CA LYS A 186 -20.54 -17.54 7.22
C LYS A 186 -20.22 -17.72 8.69
N GLU A 187 -18.97 -18.03 9.02
CA GLU A 187 -18.58 -18.15 10.42
C GLU A 187 -18.56 -16.79 11.12
N LEU A 188 -18.24 -15.72 10.38
CA LEU A 188 -18.38 -14.38 10.94
C LEU A 188 -19.83 -14.07 11.25
N LYS A 189 -20.73 -14.40 10.33
CA LYS A 189 -22.16 -14.17 10.56
C LYS A 189 -22.65 -14.89 11.80
N GLN A 190 -22.09 -16.06 12.09
CA GLN A 190 -22.46 -16.79 13.30
C GLN A 190 -21.80 -16.20 14.54
N LEU A 191 -20.56 -15.74 14.42
CA LEU A 191 -19.89 -15.13 15.57
C LEU A 191 -20.55 -13.82 15.96
N TYR A 192 -21.10 -13.09 14.99
CA TYR A 192 -21.76 -11.83 15.30
C TYR A 192 -23.12 -12.01 15.96
N LEU A 193 -23.60 -13.24 16.10
CA LEU A 193 -24.80 -13.49 16.87
C LEU A 193 -24.54 -13.47 18.37
N PHE A 194 -23.29 -13.70 18.78
CA PHE A 194 -22.93 -13.84 20.18
C PHE A 194 -22.25 -12.61 20.77
N ILE A 195 -21.88 -11.63 19.95
CA ILE A 195 -21.07 -10.50 20.40
C ILE A 195 -21.76 -9.19 19.99
N ASP A 196 -21.18 -8.09 20.46
CA ASP A 196 -21.66 -6.76 20.10
C ASP A 196 -21.55 -6.55 18.59
N VAL A 197 -22.64 -6.11 17.98
CA VAL A 197 -22.74 -6.08 16.51
C VAL A 197 -22.06 -4.89 15.88
N ARG A 198 -21.40 -4.03 16.67
CA ARG A 198 -20.69 -2.88 16.13
C ARG A 198 -19.18 -3.00 16.29
N VAL A 199 -18.67 -4.14 16.76
CA VAL A 199 -17.23 -4.33 16.84
C VAL A 199 -16.66 -4.57 15.46
N TYR A 200 -15.41 -4.17 15.26
CA TYR A 200 -14.65 -4.47 14.06
C TYR A 200 -13.61 -5.54 14.40
N LEU A 201 -13.58 -6.61 13.60
CA LEU A 201 -12.62 -7.69 13.80
C LEU A 201 -11.48 -7.49 12.82
N ASP A 202 -10.31 -7.14 13.33
CA ASP A 202 -9.14 -6.76 12.53
C ASP A 202 -8.17 -7.93 12.51
N GLY A 203 -7.81 -8.38 11.32
CA GLY A 203 -6.96 -9.56 11.23
C GLY A 203 -6.40 -9.80 9.86
N GLU A 204 -6.11 -11.08 9.59
CA GLU A 204 -5.27 -11.48 8.48
C GLU A 204 -5.90 -12.63 7.72
N LEU A 205 -6.08 -12.46 6.41
CA LEU A 205 -6.45 -13.57 5.53
C LEU A 205 -5.19 -14.37 5.21
N TYR A 206 -5.22 -15.66 5.49
CA TYR A 206 -3.99 -16.42 5.51
C TYR A 206 -4.29 -17.91 5.46
N LEU A 207 -3.34 -18.67 4.92
CA LEU A 207 -3.34 -20.13 5.00
C LEU A 207 -1.89 -20.58 5.09
N HIS A 208 -1.54 -21.23 6.20
CA HIS A 208 -0.14 -21.47 6.50
C HIS A 208 0.49 -22.38 5.45
N ARG A 209 1.76 -22.10 5.14
CA ARG A 209 2.59 -22.77 4.14
C ARG A 209 2.18 -22.44 2.71
N LYS A 210 1.11 -21.66 2.52
CA LYS A 210 0.80 -21.14 1.18
C LYS A 210 1.50 -19.79 0.98
N PRO A 211 2.04 -19.53 -0.20
CA PRO A 211 2.75 -18.26 -0.41
C PRO A 211 1.78 -17.09 -0.45
N LEU A 212 2.34 -15.91 -0.19
CA LEU A 212 1.55 -14.68 -0.21
C LEU A 212 0.86 -14.49 -1.56
N GLN A 213 1.55 -14.85 -2.64
CA GLN A 213 1.01 -14.63 -3.99
C GLN A 213 -0.27 -15.43 -4.20
N TRP A 214 -0.31 -16.68 -3.71
CA TRP A 214 -1.53 -17.46 -3.80
C TRP A 214 -2.61 -16.90 -2.88
N ILE A 215 -2.25 -16.53 -1.66
CA ILE A 215 -3.21 -15.96 -0.73
C ILE A 215 -3.84 -14.70 -1.32
N ALA A 216 -3.00 -13.80 -1.84
CA ALA A 216 -3.51 -12.56 -2.41
C ALA A 216 -4.37 -12.82 -3.64
N GLY A 217 -4.03 -13.86 -4.42
CA GLY A 217 -4.85 -14.20 -5.56
C GLY A 217 -6.25 -14.64 -5.16
N GLN A 218 -6.35 -15.49 -4.14
CA GLN A 218 -7.64 -15.97 -3.69
C GLN A 218 -8.48 -14.86 -3.09
N ALA A 219 -7.84 -13.91 -2.41
CA ALA A 219 -8.59 -12.83 -1.77
C ALA A 219 -9.09 -11.82 -2.80
N ASN A 220 -8.30 -11.57 -3.85
CA ASN A 220 -8.65 -10.54 -4.82
C ASN A 220 -9.53 -11.05 -5.95
N ALA A 221 -9.56 -12.36 -6.19
CA ALA A 221 -10.44 -12.89 -7.23
C ALA A 221 -11.89 -12.82 -6.79
N LYS A 222 -12.79 -12.71 -7.78
CA LYS A 222 -14.21 -12.60 -7.48
C LYS A 222 -14.73 -13.85 -6.79
N THR A 223 -14.14 -15.01 -7.08
CA THR A 223 -14.42 -16.25 -6.37
C THR A 223 -13.11 -16.89 -5.96
N ASP A 224 -13.19 -17.85 -5.05
CA ASP A 224 -12.00 -18.54 -4.57
C ASP A 224 -12.39 -19.94 -4.12
N SER A 225 -11.36 -20.75 -3.82
CA SER A 225 -11.56 -22.13 -3.43
C SER A 225 -12.07 -22.28 -2.00
N SER A 226 -12.35 -21.18 -1.31
CA SER A 226 -12.95 -21.21 0.02
C SER A 226 -12.08 -21.98 1.01
N GLU A 227 -10.77 -21.78 0.93
CA GLU A 227 -9.81 -22.50 1.76
C GLU A 227 -9.02 -21.60 2.70
N LEU A 228 -9.27 -20.30 2.70
CA LEU A 228 -8.50 -19.36 3.51
C LEU A 228 -9.08 -19.23 4.92
N HIS A 229 -8.23 -18.81 5.84
CA HIS A 229 -8.60 -18.61 7.23
C HIS A 229 -8.43 -17.14 7.61
N PHE A 230 -9.17 -16.73 8.63
CA PHE A 230 -9.14 -15.36 9.14
C PHE A 230 -8.59 -15.39 10.56
N TYR A 231 -7.36 -14.92 10.72
CA TYR A 231 -6.71 -14.85 12.03
C TYR A 231 -6.84 -13.43 12.56
N VAL A 232 -7.63 -13.27 13.62
CA VAL A 232 -7.95 -11.97 14.18
C VAL A 232 -6.96 -11.62 15.27
N PHE A 233 -6.34 -10.43 15.17
CA PHE A 233 -5.36 -10.00 16.16
C PHE A 233 -5.70 -8.68 16.83
N ASP A 234 -6.85 -8.08 16.53
CA ASP A 234 -7.26 -6.86 17.20
C ASP A 234 -8.74 -6.62 16.92
N CYS A 235 -9.32 -5.73 17.73
CA CYS A 235 -10.71 -5.33 17.56
C CYS A 235 -10.85 -3.90 18.06
N PHE A 236 -11.92 -3.24 17.64
CA PHE A 236 -12.16 -1.86 18.07
C PHE A 236 -13.61 -1.48 17.77
N TRP A 237 -14.04 -0.40 18.40
CA TRP A 237 -15.33 0.22 18.14
C TRP A 237 -15.12 1.62 17.57
N SER A 238 -16.03 2.01 16.67
CA SER A 238 -15.84 3.26 15.94
C SER A 238 -15.87 4.48 16.86
N ASP A 239 -16.59 4.40 17.97
CA ASP A 239 -16.73 5.52 18.89
C ASP A 239 -15.80 5.41 20.10
N GLN A 240 -14.94 4.42 20.15
CA GLN A 240 -14.02 4.21 21.27
C GLN A 240 -12.63 3.84 20.75
N LEU A 241 -12.15 4.60 19.77
CA LEU A 241 -10.86 4.30 19.15
C LEU A 241 -9.69 4.51 20.11
N GLN A 242 -9.88 5.30 21.17
CA GLN A 242 -8.81 5.54 22.13
C GLN A 242 -8.63 4.39 23.12
N MET A 243 -9.49 3.38 23.06
CA MET A 243 -9.39 2.23 23.94
C MET A 243 -7.99 1.62 23.85
N PRO A 244 -7.29 1.46 24.97
CA PRO A 244 -5.89 1.00 24.92
C PRO A 244 -5.80 -0.44 24.44
N SER A 245 -4.62 -0.78 23.92
CA SER A 245 -4.41 -2.06 23.25
C SER A 245 -4.71 -3.24 24.17
N ASN A 246 -4.20 -3.20 25.40
CA ASN A 246 -4.42 -4.33 26.31
C ASN A 246 -5.90 -4.54 26.58
N LYS A 247 -6.68 -3.45 26.62
CA LYS A 247 -8.12 -3.58 26.81
C LYS A 247 -8.78 -4.17 25.58
N ARG A 248 -8.36 -3.76 24.39
CA ARG A 248 -8.91 -4.33 23.16
C ARG A 248 -8.61 -5.82 23.08
N GLN A 249 -7.39 -6.22 23.47
CA GLN A 249 -7.03 -7.62 23.45
C GLN A 249 -7.88 -8.43 24.44
N GLN A 250 -8.13 -7.87 25.63
CA GLN A 250 -8.93 -8.57 26.62
C GLN A 250 -10.36 -8.76 26.13
N LEU A 251 -10.95 -7.73 25.52
CA LEU A 251 -12.30 -7.86 24.97
C LEU A 251 -12.32 -8.80 23.77
N LEU A 252 -11.26 -8.80 22.97
CA LEU A 252 -11.19 -9.74 21.85
C LEU A 252 -11.10 -11.18 22.34
N THR A 253 -10.40 -11.41 23.46
CA THR A 253 -10.35 -12.76 24.02
C THR A 253 -11.74 -13.22 24.45
N ASN A 254 -12.51 -12.33 25.09
CA ASN A 254 -13.87 -12.69 25.48
C ASN A 254 -14.78 -12.91 24.27
N ILE A 255 -14.47 -12.27 23.13
CA ILE A 255 -15.26 -12.48 21.94
C ILE A 255 -15.12 -13.91 21.44
N PHE A 256 -13.88 -14.41 21.39
CA PHE A 256 -13.64 -15.78 20.96
C PHE A 256 -13.92 -16.80 22.05
N LYS A 257 -14.27 -16.36 23.25
CA LYS A 257 -14.79 -17.25 24.27
C LYS A 257 -16.29 -17.49 24.12
N GLN A 258 -16.93 -16.85 23.14
CA GLN A 258 -18.36 -17.00 22.92
C GLN A 258 -18.71 -18.12 21.94
N LYS A 259 -17.75 -18.59 21.15
CA LYS A 259 -17.99 -19.67 20.20
C LYS A 259 -16.69 -20.40 19.92
N GLU A 260 -16.68 -21.70 20.19
CA GLU A 260 -15.56 -22.57 19.85
C GLU A 260 -15.82 -23.38 18.59
N ASP A 261 -16.98 -23.19 17.96
CA ASP A 261 -17.38 -23.98 16.80
C ASP A 261 -16.81 -23.41 15.50
N LEU A 262 -15.66 -22.74 15.60
CA LEU A 262 -15.08 -22.02 14.47
C LEU A 262 -13.96 -22.83 13.85
N THR A 263 -14.05 -23.04 12.54
CA THR A 263 -13.03 -23.77 11.80
C THR A 263 -12.08 -22.86 11.03
N PHE A 264 -12.55 -21.69 10.60
CA PHE A 264 -11.76 -20.79 9.77
C PHE A 264 -11.43 -19.47 10.43
N ILE A 265 -11.90 -19.21 11.65
CA ILE A 265 -11.67 -17.95 12.33
C ILE A 265 -11.02 -18.25 13.68
N HIS A 266 -9.84 -17.67 13.90
CA HIS A 266 -9.05 -17.93 15.09
C HIS A 266 -8.45 -16.63 15.60
N GLN A 267 -8.33 -16.54 16.92
CA GLN A 267 -7.69 -15.39 17.53
C GLN A 267 -6.17 -15.58 17.56
N VAL A 268 -5.43 -14.54 17.17
CA VAL A 268 -3.98 -14.61 17.21
C VAL A 268 -3.52 -14.67 18.66
N GLU A 269 -2.62 -15.60 18.95
CA GLU A 269 -2.16 -15.78 20.32
C GLU A 269 -1.34 -14.57 20.78
N ASN A 270 -1.50 -14.21 22.05
CA ASN A 270 -0.83 -13.06 22.64
C ASN A 270 0.24 -13.53 23.61
N PHE A 271 1.46 -13.03 23.43
CA PHE A 271 2.57 -13.31 24.32
C PHE A 271 2.99 -12.01 25.01
N SER A 272 3.11 -12.05 26.34
CA SER A 272 3.62 -10.92 27.09
C SER A 272 5.14 -11.02 27.19
N VAL A 273 5.81 -9.90 27.00
CA VAL A 273 7.26 -9.83 27.09
C VAL A 273 7.64 -8.72 28.06
N LYS A 274 8.65 -8.98 28.89
CA LYS A 274 9.13 -8.02 29.86
C LYS A 274 10.29 -7.19 29.34
N ASN A 275 10.91 -7.60 28.22
CA ASN A 275 12.06 -6.89 27.68
C ASN A 275 12.15 -7.19 26.19
N VAL A 276 13.22 -6.69 25.57
CA VAL A 276 13.40 -6.88 24.14
C VAL A 276 13.81 -8.30 23.82
N ASP A 277 14.68 -8.89 24.65
CA ASP A 277 15.22 -10.21 24.36
C ASP A 277 14.11 -11.25 24.24
N GLU A 278 13.07 -11.15 25.08
CA GLU A 278 11.98 -12.11 25.00
C GLU A 278 11.15 -11.91 23.74
N ALA A 279 10.97 -10.66 23.32
CA ALA A 279 10.32 -10.40 22.04
C ALA A 279 11.17 -10.94 20.89
N LEU A 280 12.48 -10.79 20.98
CA LEU A 280 13.36 -11.31 19.94
C LEU A 280 13.37 -12.83 19.93
N ARG A 281 13.35 -13.46 21.10
CA ARG A 281 13.30 -14.92 21.16
C ARG A 281 12.03 -15.44 20.50
N LEU A 282 10.92 -14.74 20.67
CA LEU A 282 9.68 -15.14 20.01
C LEU A 282 9.76 -14.93 18.50
N LYS A 283 10.45 -13.87 18.07
CA LYS A 283 10.65 -13.66 16.64
C LYS A 283 11.38 -14.84 16.00
N ALA A 284 12.51 -15.25 16.61
CA ALA A 284 13.26 -16.37 16.08
C ALA A 284 12.44 -17.66 16.10
N GLN A 285 11.66 -17.86 17.17
CA GLN A 285 10.78 -19.02 17.24
C GLN A 285 9.74 -18.99 16.11
N PHE A 286 9.11 -17.85 15.90
CA PHE A 286 8.08 -17.74 14.87
C PHE A 286 8.66 -18.01 13.49
N ILE A 287 9.89 -17.55 13.25
CA ILE A 287 10.54 -17.80 11.97
C ILE A 287 10.87 -19.28 11.82
N LYS A 288 11.22 -19.94 12.92
CA LYS A 288 11.41 -21.39 12.88
C LYS A 288 10.09 -22.09 12.53
N GLU A 289 8.98 -21.60 13.08
CA GLU A 289 7.68 -22.17 12.77
C GLU A 289 7.21 -21.84 11.36
N GLY A 290 7.93 -20.99 10.63
CA GLY A 290 7.60 -20.66 9.27
C GLY A 290 6.84 -19.36 9.07
N TYR A 291 6.71 -18.55 10.11
CA TYR A 291 5.94 -17.32 10.01
C TYR A 291 6.82 -16.16 9.56
N GLU A 292 6.17 -15.06 9.18
CA GLU A 292 6.89 -13.90 8.66
C GLU A 292 7.69 -13.20 9.74
N GLY A 293 7.20 -13.25 10.98
CA GLY A 293 7.91 -12.61 12.08
C GLY A 293 6.97 -12.37 13.25
N ALA A 294 7.25 -11.30 14.00
CA ALA A 294 6.48 -10.96 15.18
C ALA A 294 5.99 -9.52 15.08
N ILE A 295 4.85 -9.28 15.72
CA ILE A 295 4.30 -7.94 15.90
C ILE A 295 4.37 -7.60 17.39
N VAL A 296 4.86 -6.41 17.70
CA VAL A 296 4.92 -5.92 19.07
C VAL A 296 3.93 -4.77 19.21
N ARG A 297 3.05 -4.87 20.21
CA ARG A 297 1.97 -3.91 20.39
C ARG A 297 2.10 -3.27 21.77
N ASN A 298 2.32 -1.96 21.79
CA ASN A 298 2.38 -1.23 23.05
C ASN A 298 1.05 -1.34 23.78
N ALA A 299 1.12 -1.61 25.08
CA ALA A 299 -0.08 -1.92 25.85
C ALA A 299 -1.05 -0.74 25.94
N ASN A 300 -0.55 0.48 25.80
CA ASN A 300 -1.38 1.67 25.97
C ASN A 300 -1.80 2.29 24.65
N GLY A 301 -1.39 1.74 23.52
CA GLY A 301 -1.70 2.31 22.23
C GLY A 301 -3.18 2.26 21.91
N PRO A 302 -3.74 3.37 21.46
CA PRO A 302 -5.10 3.36 20.93
C PRO A 302 -5.11 2.77 19.54
N TYR A 303 -6.31 2.59 19.00
CA TYR A 303 -6.46 2.13 17.62
C TYR A 303 -6.44 3.35 16.71
N GLU A 304 -5.36 3.49 15.94
CA GLU A 304 -5.20 4.62 15.03
C GLU A 304 -5.38 4.15 13.60
N PRO A 305 -6.53 4.41 12.98
CA PRO A 305 -6.79 3.90 11.62
C PRO A 305 -5.77 4.41 10.62
N GLY A 306 -5.73 3.76 9.46
CA GLY A 306 -4.76 4.09 8.44
C GLY A 306 -5.14 5.26 7.57
N TYR A 307 -5.82 6.26 8.15
CA TYR A 307 -6.16 7.47 7.42
C TYR A 307 -4.89 8.14 6.90
N ASN A 308 -4.92 8.51 5.62
CA ASN A 308 -3.75 9.10 4.95
C ASN A 308 -2.53 8.19 5.05
N ASN A 309 -2.78 6.87 5.05
CA ASN A 309 -1.73 5.86 5.19
C ASN A 309 -0.91 6.07 6.46
N TYR A 310 -1.59 6.40 7.55
CA TYR A 310 -0.90 6.67 8.80
C TYR A 310 -0.35 5.36 9.40
N HIS A 311 0.86 5.43 9.93
CA HIS A 311 1.52 4.31 10.56
C HIS A 311 1.64 4.58 12.06
N SER A 312 1.05 3.71 12.87
CA SER A 312 0.97 3.94 14.30
C SER A 312 2.32 3.71 14.97
N ALA A 313 2.73 4.67 15.80
CA ALA A 313 3.99 4.59 16.54
C ALA A 313 3.92 3.60 17.70
N HIS A 314 2.75 3.03 17.99
CA HIS A 314 2.60 2.08 19.08
C HIS A 314 2.69 0.63 18.62
N LEU A 315 3.14 0.39 17.40
CA LEU A 315 3.31 -0.96 16.87
C LEU A 315 4.73 -1.11 16.34
N ALA A 316 5.25 -2.34 16.41
CA ALA A 316 6.58 -2.64 15.92
C ALA A 316 6.53 -3.92 15.11
N LYS A 317 7.33 -3.96 14.04
CA LYS A 317 7.36 -5.08 13.11
C LYS A 317 8.74 -5.74 13.18
N LEU A 318 8.80 -6.94 13.74
CA LEU A 318 10.03 -7.72 13.81
C LEU A 318 9.99 -8.77 12.72
N LYS A 319 10.85 -8.61 11.70
CA LYS A 319 10.81 -9.51 10.55
C LYS A 319 12.17 -9.48 9.88
N PRO A 320 12.71 -10.62 9.46
CA PRO A 320 14.07 -10.65 8.93
C PRO A 320 14.21 -9.85 7.63
N LEU A 321 15.28 -9.07 7.56
CA LEU A 321 15.63 -8.32 6.36
C LEU A 321 16.69 -9.10 5.59
N LEU A 322 16.36 -9.54 4.38
CA LEU A 322 17.26 -10.35 3.58
C LEU A 322 18.10 -9.46 2.66
N ASP A 323 19.38 -9.81 2.52
CA ASP A 323 20.31 -9.09 1.67
C ASP A 323 20.97 -10.11 0.74
N ALA A 324 20.82 -9.90 -0.57
CA ALA A 324 21.40 -10.78 -1.56
C ALA A 324 22.18 -9.98 -2.58
N GLU A 325 22.74 -10.67 -3.57
CA GLU A 325 23.56 -10.07 -4.60
C GLU A 325 23.04 -10.50 -5.97
N PHE A 326 22.95 -9.55 -6.89
CA PHE A 326 22.41 -9.82 -8.22
C PHE A 326 23.23 -9.10 -9.27
N ILE A 327 23.42 -9.75 -10.42
CA ILE A 327 24.24 -9.20 -11.48
C ILE A 327 23.49 -8.06 -12.16
N LEU A 328 24.12 -6.89 -12.21
CA LEU A 328 23.56 -5.74 -12.91
C LEU A 328 23.78 -5.90 -14.42
N VAL A 329 22.71 -5.73 -15.19
CA VAL A 329 22.78 -5.98 -16.63
C VAL A 329 22.24 -4.85 -17.48
N ASP A 330 21.49 -3.90 -16.93
CA ASP A 330 20.96 -2.78 -17.71
C ASP A 330 20.53 -1.69 -16.73
N TYR A 331 19.93 -0.65 -17.28
CA TYR A 331 19.42 0.45 -16.49
C TYR A 331 18.29 1.14 -17.23
N THR A 332 17.44 1.81 -16.50
CA THR A 332 16.29 2.47 -17.11
C THR A 332 15.92 3.67 -16.23
N GLN A 333 14.67 4.11 -16.34
CA GLN A 333 14.21 5.29 -15.63
C GLN A 333 12.74 5.10 -15.25
N GLY A 334 12.27 5.97 -14.37
CA GLY A 334 10.84 6.08 -14.14
C GLY A 334 10.16 6.81 -15.28
N LYS A 335 8.83 6.75 -15.28
CA LYS A 335 8.06 7.30 -16.39
C LYS A 335 7.19 8.50 -16.02
N LYS A 336 6.83 8.66 -14.75
CA LYS A 336 5.84 9.65 -14.35
C LYS A 336 6.38 10.55 -13.26
N GLY A 337 6.00 11.83 -13.32
CA GLY A 337 6.28 12.77 -12.27
C GLY A 337 7.75 12.87 -11.93
N LYS A 338 8.03 12.84 -10.61
CA LYS A 338 9.38 13.07 -10.12
C LYS A 338 10.37 12.00 -10.56
N ASP A 339 9.89 10.85 -11.03
CA ASP A 339 10.76 9.74 -11.36
C ASP A 339 11.12 9.66 -12.83
N LEU A 340 10.55 10.52 -13.68
CA LEU A 340 11.02 10.61 -15.05
C LEU A 340 12.46 11.12 -15.06
N GLY A 341 13.35 10.38 -15.73
CA GLY A 341 14.75 10.72 -15.74
C GLY A 341 15.52 10.27 -14.51
N ALA A 342 14.89 9.57 -13.59
CA ALA A 342 15.55 9.08 -12.37
C ALA A 342 15.98 7.64 -12.58
N ILE A 343 17.22 7.33 -12.21
CA ILE A 343 17.83 6.06 -12.59
C ILE A 343 17.13 4.90 -11.91
N LEU A 344 17.01 3.79 -12.63
CA LEU A 344 16.54 2.52 -12.10
C LEU A 344 17.44 1.41 -12.62
N TRP A 345 17.79 0.48 -11.75
CA TRP A 345 18.67 -0.61 -12.13
C TRP A 345 17.87 -1.78 -12.69
N VAL A 346 18.54 -2.59 -13.50
CA VAL A 346 17.97 -3.82 -14.07
C VAL A 346 18.96 -4.95 -13.83
N CYS A 347 18.52 -5.98 -13.11
CA CYS A 347 19.36 -7.12 -12.79
C CYS A 347 18.82 -8.38 -13.45
N GLU A 348 19.71 -9.36 -13.64
CA GLU A 348 19.37 -10.63 -14.26
C GLU A 348 19.64 -11.76 -13.29
N LEU A 349 18.74 -12.73 -13.26
CA LEU A 349 18.87 -13.91 -12.43
C LEU A 349 19.55 -15.03 -13.19
N PRO A 350 20.06 -16.05 -12.49
CA PRO A 350 20.61 -17.23 -13.17
C PRO A 350 19.70 -17.78 -14.26
N ASN A 351 18.38 -17.87 -13.98
CA ASN A 351 17.42 -18.39 -14.95
C ASN A 351 17.09 -17.39 -16.06
N LYS A 352 17.94 -16.38 -16.26
CA LYS A 352 17.82 -15.38 -17.33
C LYS A 352 16.61 -14.47 -17.19
N LYS A 353 15.94 -14.48 -16.04
CA LYS A 353 14.83 -13.57 -15.80
C LYS A 353 15.35 -12.25 -15.26
N ARG A 354 14.76 -11.15 -15.70
CA ARG A 354 15.20 -9.81 -15.31
C ARG A 354 14.14 -9.13 -14.44
N PHE A 355 14.60 -8.10 -13.72
CA PHE A 355 13.72 -7.32 -12.87
C PHE A 355 14.36 -5.97 -12.61
N VAL A 356 13.51 -4.99 -12.26
CA VAL A 356 13.95 -3.63 -11.98
C VAL A 356 14.04 -3.45 -10.47
N VAL A 357 15.04 -2.69 -10.03
CA VAL A 357 15.22 -2.38 -8.61
C VAL A 357 15.34 -0.87 -8.46
N THR A 358 14.55 -0.31 -7.56
CA THR A 358 14.63 1.12 -7.28
C THR A 358 15.77 1.39 -6.31
N PRO A 359 16.65 2.36 -6.60
CA PRO A 359 17.80 2.61 -5.73
C PRO A 359 17.41 3.31 -4.44
N LYS A 360 17.89 2.78 -3.32
CA LYS A 360 17.70 3.31 -1.98
C LYS A 360 18.98 4.00 -1.54
N HIS A 361 18.84 4.92 -0.57
CA HIS A 361 19.93 5.72 -0.01
C HIS A 361 20.52 6.70 -1.01
N LEU A 362 19.89 6.89 -2.16
CA LEU A 362 20.30 7.88 -3.15
C LEU A 362 19.31 9.04 -3.14
N THR A 363 19.84 10.25 -3.34
CA THR A 363 18.96 11.39 -3.55
C THR A 363 18.43 11.37 -4.98
N TYR A 364 17.30 12.05 -5.18
CA TYR A 364 16.79 12.21 -6.54
C TYR A 364 17.77 12.99 -7.40
N ALA A 365 18.56 13.88 -6.78
CA ALA A 365 19.62 14.56 -7.51
C ALA A 365 20.65 13.57 -8.04
N ASP A 366 21.02 12.57 -7.23
CA ASP A 366 21.93 11.53 -7.69
C ASP A 366 21.28 10.70 -8.79
N ARG A 367 20.00 10.36 -8.62
CA ARG A 367 19.31 9.55 -9.61
C ARG A 367 19.16 10.29 -10.93
N TYR A 368 18.80 11.57 -10.88
CA TYR A 368 18.72 12.38 -12.10
C TYR A 368 20.08 12.45 -12.78
N ALA A 369 21.15 12.67 -12.01
CA ALA A 369 22.48 12.81 -12.59
C ALA A 369 22.95 11.51 -13.22
N LEU A 370 22.81 10.38 -12.49
CA LEU A 370 23.24 9.09 -13.01
C LEU A 370 22.63 8.78 -14.36
N PHE A 371 21.31 8.96 -14.47
CA PHE A 371 20.66 8.72 -15.75
C PHE A 371 21.06 9.72 -16.82
N GLN A 372 21.57 10.89 -16.42
CA GLN A 372 21.96 11.91 -17.39
C GLN A 372 23.34 11.63 -17.96
N LYS A 373 24.33 11.37 -17.09
CA LYS A 373 25.72 11.21 -17.54
C LYS A 373 25.94 9.95 -18.37
N LEU A 374 25.10 8.93 -18.20
CA LEU A 374 25.34 7.59 -18.70
C LEU A 374 24.63 7.36 -20.03
N THR A 375 25.24 6.51 -20.86
CA THR A 375 24.63 5.94 -22.07
C THR A 375 25.05 4.49 -22.18
N PRO A 376 24.42 3.68 -23.05
CA PRO A 376 24.82 2.26 -23.16
C PRO A 376 26.31 2.04 -23.39
N ALA A 377 27.00 2.98 -24.02
CA ALA A 377 28.44 2.82 -24.24
C ALA A 377 29.20 2.86 -22.91
N LEU A 378 28.97 3.90 -22.11
CA LEU A 378 29.69 4.00 -20.85
C LEU A 378 29.16 3.02 -19.81
N PHE A 379 27.90 2.60 -19.95
CA PHE A 379 27.38 1.59 -19.02
C PHE A 379 28.03 0.23 -19.26
N LYS A 380 28.23 -0.14 -20.53
CA LYS A 380 28.87 -1.42 -20.83
C LYS A 380 30.31 -1.46 -20.32
N LYS A 381 30.98 -0.32 -20.27
CA LYS A 381 32.37 -0.30 -19.85
C LYS A 381 32.51 -0.53 -18.35
N HIS A 382 31.65 0.07 -17.54
CA HIS A 382 31.83 0.05 -16.10
C HIS A 382 30.82 -0.85 -15.40
N LEU A 383 29.58 -0.36 -15.28
CA LEU A 383 28.65 -0.93 -14.31
C LEU A 383 28.12 -2.29 -14.74
N TYR A 384 28.05 -2.56 -16.03
CA TYR A 384 27.52 -3.84 -16.50
C TYR A 384 28.35 -4.99 -15.93
N GLY A 385 27.68 -5.91 -15.24
CA GLY A 385 28.32 -7.09 -14.69
C GLY A 385 28.62 -7.02 -13.20
N LYS A 386 28.48 -5.86 -12.58
CA LYS A 386 28.79 -5.73 -11.16
C LYS A 386 27.69 -6.37 -10.32
N GLU A 387 28.03 -6.65 -9.06
CA GLU A 387 27.07 -7.19 -8.11
C GLU A 387 26.37 -6.04 -7.38
N LEU A 388 25.04 -6.07 -7.39
CA LEU A 388 24.23 -5.04 -6.76
C LEU A 388 23.60 -5.61 -5.50
N THR A 389 23.90 -4.99 -4.36
CA THR A 389 23.33 -5.44 -3.09
C THR A 389 21.88 -5.02 -3.00
N VAL A 390 20.99 -6.00 -2.80
CA VAL A 390 19.56 -5.78 -2.86
C VAL A 390 18.93 -6.24 -1.54
N GLU A 391 18.29 -5.30 -0.84
CA GLU A 391 17.47 -5.62 0.31
C GLU A 391 16.07 -5.99 -0.16
N TYR A 392 15.54 -7.08 0.37
CA TYR A 392 14.21 -7.54 -0.03
C TYR A 392 13.58 -8.29 1.15
N ALA A 393 12.34 -8.73 0.96
CA ALA A 393 11.58 -9.39 2.01
C ALA A 393 11.36 -10.87 1.76
N GLU A 394 11.27 -11.29 0.49
CA GLU A 394 11.13 -12.70 0.15
C GLU A 394 11.41 -12.86 -1.33
N LEU A 395 11.65 -14.11 -1.74
CA LEU A 395 11.86 -14.42 -3.14
C LEU A 395 10.53 -14.82 -3.79
N SER A 396 10.34 -14.40 -5.03
CA SER A 396 9.17 -14.82 -5.79
C SER A 396 9.24 -16.34 -5.98
N PRO A 397 8.23 -17.09 -5.54
CA PRO A 397 8.35 -18.56 -5.56
C PRO A 397 8.37 -19.16 -6.96
N LYS A 398 7.76 -18.49 -7.95
CA LYS A 398 7.72 -19.04 -9.29
C LYS A 398 8.86 -18.56 -10.17
N THR A 399 9.55 -17.49 -9.80
CA THR A 399 10.59 -16.90 -10.64
C THR A 399 11.93 -16.70 -9.96
N GLY A 400 12.00 -16.73 -8.63
CA GLY A 400 13.22 -16.41 -7.93
C GLY A 400 13.54 -14.94 -7.80
N ILE A 401 12.65 -14.07 -8.28
CA ILE A 401 12.90 -12.62 -8.23
C ILE A 401 12.71 -12.12 -6.81
N PRO A 402 13.63 -11.31 -6.28
CA PRO A 402 13.41 -10.73 -4.94
C PRO A 402 12.24 -9.77 -4.96
N LEU A 403 11.36 -9.91 -3.97
CA LEU A 403 10.14 -9.11 -3.89
C LEU A 403 10.29 -8.02 -2.83
N GLN A 404 9.65 -6.88 -3.09
CA GLN A 404 9.78 -5.68 -2.26
C GLN A 404 11.24 -5.26 -2.18
N ALA A 405 11.92 -5.26 -3.33
CA ALA A 405 13.36 -5.06 -3.40
C ALA A 405 13.70 -3.58 -3.55
N ARG A 406 14.88 -3.22 -3.04
CA ARG A 406 15.43 -1.89 -3.19
C ARG A 406 16.94 -2.00 -3.20
N ALA A 407 17.59 -1.26 -4.10
CA ALA A 407 19.03 -1.34 -4.25
C ALA A 407 19.70 -0.43 -3.22
N VAL A 408 20.60 -0.99 -2.43
CA VAL A 408 21.31 -0.23 -1.40
C VAL A 408 22.74 0.12 -1.81
N GLY A 409 23.24 -0.42 -2.92
CA GLY A 409 24.57 -0.12 -3.38
C GLY A 409 25.30 -1.31 -3.95
N PHE A 410 26.50 -1.08 -4.46
CA PHE A 410 27.33 -2.15 -5.01
C PHE A 410 28.28 -2.67 -3.95
N ARG A 411 28.74 -3.90 -4.15
CA ARG A 411 29.93 -4.39 -3.46
C ARG A 411 31.14 -3.77 -4.16
N GLU A 412 31.78 -2.81 -3.48
CA GLU A 412 32.83 -1.98 -4.06
C GLU A 412 32.28 -1.14 -5.23
#